data_4FB0
#
_entry.id   4FB0
#
_cell.length_a   89.188
_cell.length_b   95.444
_cell.length_c   224.706
_cell.angle_alpha   90.00
_cell.angle_beta   90.00
_cell.angle_gamma   90.00
#
_symmetry.space_group_name_H-M   'P 21 21 21'
#
loop_
_entity.id
_entity.type
_entity.pdbx_description
1 polymer 'Group IIC intron'
2 non-polymer 'MAGNESIUM ION'
3 non-polymer 'POTASSIUM ION'
4 non-polymer '4-(2-HYDROXYETHYL)-1-PIPERAZINE ETHANESULFONIC ACID'
5 non-polymer SPERMINE
6 water water
#
_entity_poly.entity_id   1
_entity_poly.type   'polyribonucleotide'
_entity_poly.pdbx_seq_one_letter_code
;GGGGUGUGCCCGGCAUGGGUGCAGUCUAUAGGGUGAGAGUCCCGAACUGUGAAGGCAGAAGUAACAGUUAGCCUAACGCA
AGGGUGUCCGUGGCGACAUGGAAUCUGAAGGAAGCGGACGGCAAACCUUCGGUCUGAGGAACACGAACUUCAUAUGAGGC
UAGGUAUCAAUGGAUGAGUUUGCAUAACAAAACAAAGUCCUUUCUGCCAAAGUUGGUACAGAGUAAAUGAAGCAGAUUGA
UGAAGGGAAAGACUGCAUUCUUACCCGGGGAGGUCUGGAAACAGAAGUCAGCAGAAGUCAUAGUACCCUGUUCGCAGGGG
AAGGACGGAACAAGUAUGGCGUUCGCGCCUAAGCUUGAACCGCCGUAUACCGAACGGUAGGUACGGUGGUGUG
;
_entity_poly.pdbx_strand_id   A
#